data_4Z9W
#
_entry.id   4Z9W
#
_cell.length_a   139.320
_cell.length_b   120.200
_cell.length_c   44.690
_cell.angle_alpha   90.00
_cell.angle_beta   90.00
_cell.angle_gamma   90.00
#
_symmetry.space_group_name_H-M   'P 21 21 2'
#
loop_
_entity.id
_entity.type
_entity.pdbx_description
1 polymer 'rRNA N-glycosidase'
2 polymer 'rRNA N-glycosidase'
3 branched alpha-L-fucopyranose-(1-3)-[2-acetamido-2-deoxy-beta-D-glucopyranose-(1-4)]2-acetamido-2-deoxy-beta-D-glucopyranose
4 non-polymer 2-acetamido-2-deoxy-beta-D-glucopyranose
5 non-polymer 1,2-ETHANEDIOL
6 non-polymer beta-D-mannopyranose
7 water water
#
loop_
_entity_poly.entity_id
_entity_poly.type
_entity_poly.pdbx_seq_one_letter_code
_entity_poly.pdbx_strand_id
1 'polypeptide(L)'
;NLSLSQSNFSADTYKSFIKNLRKQLTIGASYGSAGIPILKHSVPICERFLLVDLTNGDNETITLAINVEDAGFAAYRAAD
RSYFFQNAPPIASYVIFTDTNQNIMNFNNTFESIEIVGGTTRSETPLGIMHFEASIFHLFVHDENYVPTSFLVLIQMVLE
AAKFKFIEQKVIHSIMDMEDFTPGLAMLSLEENWTQLSLQLQASESLNGVFGDSVSLYNSMDEPIGVDSMYYPILTANMA
FQLYQCP
;
A
2 'polypeptide(L)'
;NEQCSPQQRTTRISGRDGLCVDVYGALTADGSRVILYPCGQQQNQQWTFYPDNTIRSLGKCLATSALSSGSNVVITNCDY
LRYDDGWMVSSSGTMMNKSSHLVLTANAATSRTNLTGENNVFAAKQAWRIGNYVEPIVTTIIGLRHMCLEATDNDTNVWL
ESCVKNKTKQYWALYSDDTIRVNNNRNLCVSSSTDSSSKLIVIRRCDGSINQRWVFTPQGTISNPGYEAVMDVAQNDVYL
KKIVLSSATDKGNGQQWTVFY
;
B
#
loop_
_chem_comp.id
_chem_comp.type
_chem_comp.name
_chem_comp.formula
BMA D-saccharide, beta linking beta-D-mannopyranose 'C6 H12 O6'
EDO non-polymer 1,2-ETHANEDIOL 'C2 H6 O2'
FUC L-saccharide, alpha linking alpha-L-fucopyranose 'C6 H12 O5'
NAG D-saccharide, beta linking 2-acetamido-2-deoxy-beta-D-glucopyranose 'C8 H15 N O6'
#
# COMPACT_ATOMS: atom_id res chain seq x y z
N ASN A 1 -26.44 2.05 12.85
CA ASN A 1 -25.39 1.43 12.01
C ASN A 1 -24.62 2.49 11.25
N LEU A 2 -23.35 2.22 10.97
CA LEU A 2 -22.62 3.02 10.00
C LEU A 2 -23.48 3.08 8.72
N SER A 3 -23.59 4.24 8.11
CA SER A 3 -24.51 4.37 7.02
C SER A 3 -24.11 5.42 6.01
N LEU A 4 -24.59 5.22 4.80
CA LEU A 4 -24.38 6.14 3.72
C LEU A 4 -25.72 6.26 2.98
N SER A 5 -26.15 7.50 2.73
CA SER A 5 -27.45 7.81 2.10
C SER A 5 -27.26 8.65 0.86
N GLN A 6 -28.01 8.33 -0.20
CA GLN A 6 -27.75 8.95 -1.51
C GLN A 6 -28.00 10.47 -1.52
N SER A 7 -28.83 10.93 -0.62
CA SER A 7 -29.15 12.32 -0.42
C SER A 7 -28.01 13.12 0.17
N ASN A 8 -27.02 12.46 0.74
CA ASN A 8 -25.86 13.16 1.27
C ASN A 8 -24.64 12.42 0.81
N PHE A 9 -24.50 12.35 -0.49
CA PHE A 9 -23.39 11.66 -1.09
C PHE A 9 -22.41 12.57 -1.80
N SER A 10 -21.39 12.97 -1.10
CA SER A 10 -20.29 13.76 -1.65
C SER A 10 -19.04 12.95 -1.55
N ALA A 11 -17.98 13.42 -2.17
CA ALA A 11 -16.69 12.77 -2.01
C ALA A 11 -16.32 12.76 -0.51
N ASP A 12 -16.62 13.86 0.20
CA ASP A 12 -16.33 13.95 1.63
C ASP A 12 -17.09 12.94 2.46
N THR A 13 -18.39 12.74 2.21
CA THR A 13 -19.15 11.83 3.07
C THR A 13 -18.79 10.38 2.75
N TYR A 14 -18.57 10.09 1.48
CA TYR A 14 -18.11 8.77 1.05
C TYR A 14 -16.77 8.45 1.70
N LYS A 15 -15.84 9.39 1.60
CA LYS A 15 -14.55 9.17 2.23
C LYS A 15 -14.66 8.92 3.75
N SER A 16 -15.48 9.71 4.43
CA SER A 16 -15.73 9.48 5.86
C SER A 16 -16.33 8.12 6.15
N PHE A 17 -17.32 7.72 5.36
CA PHE A 17 -17.92 6.40 5.46
C PHE A 17 -16.85 5.26 5.36
N ILE A 18 -16.00 5.33 4.33
CA ILE A 18 -14.96 4.31 4.12
C ILE A 18 -13.95 4.34 5.29
N LYS A 19 -13.58 5.53 5.72
CA LYS A 19 -12.65 5.68 6.87
C LYS A 19 -13.23 4.98 8.10
N ASN A 20 -14.49 5.27 8.41
CA ASN A 20 -15.14 4.65 9.56
C ASN A 20 -15.38 3.15 9.42
N LEU A 21 -15.69 2.68 8.21
CA LEU A 21 -15.82 1.26 7.96
C LEU A 21 -14.50 0.51 8.25
N ARG A 22 -13.38 1.07 7.80
CA ARG A 22 -12.08 0.51 8.13
C ARG A 22 -11.86 0.45 9.65
N LYS A 23 -12.17 1.54 10.32
CA LYS A 23 -12.00 1.61 11.75
C LYS A 23 -12.81 0.53 12.43
N GLN A 24 -14.08 0.37 12.05
CA GLN A 24 -14.91 -0.62 12.70
C GLN A 24 -14.42 -2.03 12.43
N LEU A 25 -14.02 -2.32 11.19
CA LEU A 25 -13.49 -3.64 10.84
C LEU A 25 -12.18 -3.99 11.56
N THR A 26 -11.38 -2.99 11.86
CA THR A 26 -10.08 -3.23 12.48
C THR A 26 -10.08 -3.11 14.00
N ILE A 27 -11.26 -3.06 14.62
CA ILE A 27 -11.29 -3.15 16.09
C ILE A 27 -10.69 -4.51 16.46
N GLY A 28 -9.74 -4.54 17.38
CA GLY A 28 -9.14 -5.81 17.78
C GLY A 28 -8.22 -6.46 16.77
N ALA A 29 -7.82 -5.71 15.74
CA ALA A 29 -6.90 -6.23 14.74
C ALA A 29 -5.51 -6.49 15.34
N SER A 30 -4.78 -7.42 14.74
CA SER A 30 -3.36 -7.61 15.10
C SER A 30 -2.48 -6.83 14.12
N TYR A 31 -1.24 -6.57 14.53
CA TYR A 31 -0.30 -5.78 13.74
C TYR A 31 1.03 -6.49 13.66
N GLY A 32 1.63 -6.45 12.48
CA GLY A 32 3.00 -6.92 12.26
C GLY A 32 3.92 -5.76 11.92
N SER A 33 5.08 -6.13 11.39
CA SER A 33 6.14 -5.17 11.02
C SER A 33 5.68 -4.11 10.05
N ALA A 34 4.84 -4.50 9.09
CA ALA A 34 4.33 -3.53 8.10
C ALA A 34 3.40 -2.51 8.72
N GLY A 35 2.74 -2.87 9.83
CA GLY A 35 1.84 -1.97 10.55
C GLY A 35 0.48 -1.78 9.90
N ILE A 36 0.13 -2.68 8.99
CA ILE A 36 -1.15 -2.75 8.33
C ILE A 36 -1.99 -3.74 9.16
N PRO A 37 -3.13 -3.29 9.69
CA PRO A 37 -3.94 -4.14 10.56
C PRO A 37 -4.42 -5.42 9.91
N ILE A 38 -4.39 -6.51 10.69
CA ILE A 38 -4.78 -7.83 10.25
C ILE A 38 -6.15 -8.07 10.92
N LEU A 39 -7.16 -8.35 10.10
CA LEU A 39 -8.51 -8.62 10.59
C LEU A 39 -8.52 -9.74 11.65
N LYS A 40 -9.52 -9.70 12.51
CA LYS A 40 -9.70 -10.72 13.54
C LYS A 40 -9.98 -12.06 12.90
N HIS A 41 -9.70 -13.12 13.65
CA HIS A 41 -10.02 -14.47 13.21
C HIS A 41 -10.64 -15.26 14.38
N SER A 42 -11.23 -16.38 14.04
CA SER A 42 -11.94 -17.22 15.00
C SER A 42 -12.87 -16.39 15.88
N VAL A 43 -13.68 -15.54 15.24
CA VAL A 43 -14.60 -14.64 15.93
C VAL A 43 -15.89 -15.39 16.20
N PRO A 44 -16.37 -15.40 17.46
CA PRO A 44 -17.66 -16.05 17.76
C PRO A 44 -18.76 -15.52 16.84
N ILE A 45 -19.57 -16.42 16.29
CA ILE A 45 -20.63 -16.07 15.35
C ILE A 45 -21.48 -14.87 15.80
N CYS A 46 -21.82 -14.79 17.09
CA CYS A 46 -22.63 -13.67 17.59
C CYS A 46 -21.97 -12.29 17.45
N GLU A 47 -20.64 -12.27 17.26
CA GLU A 47 -19.86 -11.05 17.10
C GLU A 47 -19.26 -10.88 15.69
N ARG A 48 -19.58 -11.78 14.77
CA ARG A 48 -18.84 -11.86 13.51
C ARG A 48 -19.34 -10.88 12.42
N PHE A 49 -20.48 -10.23 12.63
CA PHE A 49 -21.11 -9.40 11.58
C PHE A 49 -21.21 -7.94 11.96
N LEU A 50 -20.68 -7.10 11.08
CA LEU A 50 -20.78 -5.68 11.16
C LEU A 50 -21.89 -5.27 10.18
N LEU A 51 -22.86 -4.51 10.69
CA LEU A 51 -24.01 -4.09 9.87
C LEU A 51 -23.79 -2.67 9.36
N VAL A 52 -24.05 -2.46 8.07
CA VAL A 52 -23.99 -1.13 7.50
C VAL A 52 -25.23 -0.88 6.68
N ASP A 53 -25.71 0.35 6.79
CA ASP A 53 -26.93 0.80 6.08
C ASP A 53 -26.58 1.59 4.86
N LEU A 54 -27.21 1.24 3.73
CA LEU A 54 -27.17 2.04 2.54
C LEU A 54 -28.56 2.45 2.15
N THR A 55 -28.74 3.74 1.90
CA THR A 55 -30.03 4.30 1.51
C THR A 55 -29.96 4.91 0.10
N ASN A 56 -30.97 4.61 -0.72
CA ASN A 56 -30.99 5.01 -2.13
C ASN A 56 -31.71 6.35 -2.29
N GLY A 57 -32.09 6.69 -3.52
CA GLY A 57 -32.73 7.97 -3.82
C GLY A 57 -34.21 8.01 -3.47
N ASP A 58 -34.82 6.86 -3.21
CA ASP A 58 -36.22 6.75 -2.74
C ASP A 58 -36.34 6.71 -1.23
N ASN A 59 -35.26 6.98 -0.49
CA ASN A 59 -35.24 6.76 0.96
C ASN A 59 -35.55 5.31 1.34
N GLU A 60 -35.13 4.36 0.51
CA GLU A 60 -35.28 2.92 0.78
C GLU A 60 -33.90 2.43 1.27
N THR A 61 -33.87 1.68 2.36
CA THR A 61 -32.64 1.31 3.05
C THR A 61 -32.46 -0.20 3.01
N ILE A 62 -31.22 -0.63 2.78
CA ILE A 62 -30.82 -2.01 2.97
C ILE A 62 -29.77 -2.02 4.06
N THR A 63 -29.74 -3.13 4.79
CA THR A 63 -28.71 -3.34 5.81
C THR A 63 -27.91 -4.55 5.38
N LEU A 64 -26.62 -4.32 5.14
CA LEU A 64 -25.71 -5.38 4.72
C LEU A 64 -24.92 -5.84 5.93
N ALA A 65 -24.75 -7.14 6.00
CA ALA A 65 -23.97 -7.77 7.05
C ALA A 65 -22.61 -8.12 6.47
N ILE A 66 -21.58 -7.55 7.07
CA ILE A 66 -20.20 -7.81 6.67
C ILE A 66 -19.53 -8.77 7.67
N ASN A 67 -18.94 -9.85 7.16
CA ASN A 67 -18.15 -10.75 7.98
C ASN A 67 -16.85 -10.04 8.36
N VAL A 68 -16.66 -9.78 9.64
CA VAL A 68 -15.49 -9.02 10.09
C VAL A 68 -14.17 -9.79 9.96
N GLU A 69 -14.23 -11.11 9.74
CA GLU A 69 -13.04 -11.94 9.46
C GLU A 69 -12.47 -11.75 8.06
N ASP A 70 -13.33 -11.49 7.07
CA ASP A 70 -12.87 -11.40 5.68
C ASP A 70 -13.35 -10.19 4.89
N ALA A 71 -14.04 -9.26 5.54
CA ALA A 71 -14.57 -8.06 4.90
C ALA A 71 -15.35 -8.39 3.64
N GLY A 72 -16.17 -9.45 3.71
CA GLY A 72 -17.10 -9.82 2.64
C GLY A 72 -18.54 -9.73 3.11
N PHE A 73 -19.47 -9.55 2.16
CA PHE A 73 -20.91 -9.55 2.50
C PHE A 73 -21.37 -10.99 2.69
N ALA A 74 -22.05 -11.22 3.81
CA ALA A 74 -22.69 -12.50 4.14
C ALA A 74 -24.15 -12.53 3.79
N ALA A 75 -24.82 -11.40 3.97
CA ALA A 75 -26.26 -11.33 3.84
C ALA A 75 -26.68 -9.89 3.85
N TYR A 76 -27.95 -9.65 3.50
CA TYR A 76 -28.56 -8.35 3.70
C TYR A 76 -30.03 -8.42 4.00
N ARG A 77 -30.54 -7.30 4.53
CA ARG A 77 -31.94 -7.15 4.85
C ARG A 77 -32.51 -5.96 4.07
N ALA A 78 -33.74 -6.13 3.60
CA ALA A 78 -34.52 -5.06 2.97
C ALA A 78 -35.93 -5.17 3.57
N ALA A 79 -36.33 -4.18 4.35
CA ALA A 79 -37.65 -4.20 5.01
C ALA A 79 -37.79 -5.45 5.92
N ASP A 80 -38.75 -6.33 5.63
CA ASP A 80 -39.00 -7.51 6.47
C ASP A 80 -38.48 -8.77 5.80
N ARG A 81 -37.59 -8.60 4.82
CA ARG A 81 -36.99 -9.70 4.08
C ARG A 81 -35.46 -9.70 4.27
N SER A 82 -34.86 -10.87 4.21
CA SER A 82 -33.39 -10.95 4.17
C SER A 82 -32.94 -12.05 3.25
N TYR A 83 -31.68 -11.94 2.84
CA TYR A 83 -31.11 -12.77 1.78
C TYR A 83 -29.68 -13.10 2.21
N PHE A 84 -29.36 -14.40 2.21
CA PHE A 84 -28.09 -14.94 2.63
C PHE A 84 -27.41 -15.64 1.45
N PHE A 85 -26.11 -15.42 1.29
CA PHE A 85 -25.34 -16.17 0.31
C PHE A 85 -25.27 -17.65 0.71
N GLN A 86 -25.25 -18.55 -0.27
CA GLN A 86 -25.04 -20.00 -0.06
C GLN A 86 -23.88 -20.33 0.84
N ASN A 87 -22.80 -19.57 0.72
CA ASN A 87 -21.58 -19.83 1.48
C ASN A 87 -21.44 -18.94 2.69
N ALA A 88 -22.52 -18.26 3.10
CA ALA A 88 -22.53 -17.57 4.38
C ALA A 88 -22.26 -18.61 5.48
N PRO A 89 -21.72 -18.19 6.60
CA PRO A 89 -21.49 -19.16 7.66
C PRO A 89 -22.81 -19.81 8.00
N PRO A 90 -22.83 -21.14 8.02
CA PRO A 90 -24.04 -21.93 8.29
C PRO A 90 -24.98 -21.46 9.41
N ILE A 91 -24.43 -20.86 10.47
CA ILE A 91 -25.24 -20.43 11.59
C ILE A 91 -25.66 -18.96 11.54
N ALA A 92 -25.22 -18.25 10.51
CA ALA A 92 -25.45 -16.80 10.42
C ALA A 92 -26.93 -16.41 10.53
N SER A 93 -27.81 -17.21 9.96
CA SER A 93 -29.24 -16.90 9.95
C SER A 93 -29.92 -16.91 11.34
N TYR A 94 -29.32 -17.53 12.33
CA TYR A 94 -29.80 -17.46 13.74
C TYR A 94 -29.29 -16.23 14.49
N VAL A 95 -28.34 -15.52 13.89
CA VAL A 95 -27.67 -14.40 14.53
C VAL A 95 -28.06 -13.05 13.95
N ILE A 96 -28.30 -12.99 12.64
CA ILE A 96 -28.65 -11.73 12.00
C ILE A 96 -29.98 -11.85 11.27
N PHE A 97 -30.72 -10.74 11.30
CA PHE A 97 -31.99 -10.59 10.58
C PHE A 97 -32.97 -11.68 10.96
N THR A 98 -33.02 -11.96 12.26
CA THR A 98 -33.81 -13.07 12.79
C THR A 98 -35.31 -12.78 12.64
N ASP A 99 -35.72 -11.53 12.79
CA ASP A 99 -37.14 -11.15 12.68
C ASP A 99 -37.48 -10.70 11.24
N THR A 100 -37.13 -11.53 10.25
CA THR A 100 -37.44 -11.27 8.84
C THR A 100 -37.80 -12.58 8.16
N ASN A 101 -38.34 -12.47 6.95
CA ASN A 101 -38.51 -13.61 6.07
C ASN A 101 -37.18 -13.89 5.34
N GLN A 102 -36.50 -14.94 5.76
CA GLN A 102 -35.11 -15.19 5.33
C GLN A 102 -35.12 -16.00 4.07
N ASN A 103 -34.18 -15.70 3.18
CA ASN A 103 -34.04 -16.41 1.90
C ASN A 103 -32.59 -16.74 1.63
N ILE A 104 -32.39 -17.82 0.89
CA ILE A 104 -31.05 -18.20 0.46
C ILE A 104 -30.90 -17.85 -1.03
N MET A 105 -29.84 -17.10 -1.34
CA MET A 105 -29.47 -16.85 -2.73
C MET A 105 -28.66 -18.06 -3.17
N ASN A 106 -28.91 -18.56 -4.38
CA ASN A 106 -28.30 -19.81 -4.81
C ASN A 106 -26.98 -19.59 -5.53
N PHE A 107 -26.12 -18.78 -4.90
CA PHE A 107 -24.77 -18.56 -5.35
C PHE A 107 -23.93 -18.01 -4.20
N ASN A 108 -22.62 -18.14 -4.36
CA ASN A 108 -21.66 -17.76 -3.33
C ASN A 108 -21.31 -16.26 -3.41
N ASN A 109 -20.81 -15.71 -2.33
CA ASN A 109 -20.41 -14.30 -2.28
C ASN A 109 -19.08 -13.97 -2.98
N THR A 110 -18.60 -14.86 -3.85
CA THR A 110 -17.31 -14.64 -4.50
C THR A 110 -17.55 -13.98 -5.84
N PHE A 111 -16.59 -13.16 -6.27
CA PHE A 111 -16.72 -12.59 -7.61
C PHE A 111 -16.97 -13.68 -8.65
N GLU A 112 -16.25 -14.79 -8.54
CA GLU A 112 -16.35 -15.84 -9.53
C GLU A 112 -17.77 -16.34 -9.66
N SER A 113 -18.41 -16.61 -8.53
CA SER A 113 -19.77 -17.13 -8.49
C SER A 113 -20.79 -16.11 -8.95
N ILE A 114 -20.64 -14.88 -8.47
CA ILE A 114 -21.55 -13.82 -8.83
C ILE A 114 -21.49 -13.55 -10.34
N GLU A 115 -20.29 -13.53 -10.90
CA GLU A 115 -20.15 -13.30 -12.33
C GLU A 115 -20.81 -14.40 -13.16
N ILE A 116 -20.64 -15.64 -12.73
CA ILE A 116 -21.28 -16.77 -13.44
C ILE A 116 -22.79 -16.66 -13.43
N VAL A 117 -23.38 -16.41 -12.26
CA VAL A 117 -24.85 -16.39 -12.13
C VAL A 117 -25.43 -15.22 -12.86
N GLY A 118 -24.77 -14.07 -12.82
CA GLY A 118 -25.27 -12.93 -13.55
C GLY A 118 -24.94 -12.87 -15.03
N GLY A 119 -23.98 -13.68 -15.49
CA GLY A 119 -23.58 -13.67 -16.89
C GLY A 119 -22.75 -12.45 -17.29
N THR A 120 -22.19 -11.73 -16.31
CA THR A 120 -21.48 -10.50 -16.60
C THR A 120 -20.32 -10.31 -15.62
N THR A 121 -19.25 -9.71 -16.12
CA THR A 121 -18.00 -9.57 -15.37
C THR A 121 -17.85 -8.15 -14.82
N ARG A 122 -16.96 -8.03 -13.86
CA ARG A 122 -16.63 -6.73 -13.32
C ARG A 122 -16.10 -5.79 -14.38
N SER A 123 -15.35 -6.30 -15.37
CA SER A 123 -14.77 -5.41 -16.36
C SER A 123 -15.82 -4.76 -17.28
N GLU A 124 -17.05 -5.29 -17.33
CA GLU A 124 -18.13 -4.67 -18.09
C GLU A 124 -19.27 -4.10 -17.21
N THR A 125 -19.03 -3.95 -15.91
CA THR A 125 -20.03 -3.48 -14.97
C THR A 125 -19.66 -2.07 -14.50
N PRO A 126 -20.37 -1.06 -15.00
CA PRO A 126 -19.99 0.29 -14.60
C PRO A 126 -20.24 0.58 -13.13
N LEU A 127 -19.34 1.42 -12.61
CA LEU A 127 -19.36 1.87 -11.26
C LEU A 127 -19.52 3.40 -11.27
N GLY A 128 -20.12 3.93 -10.23
CA GLY A 128 -20.38 5.37 -10.13
C GLY A 128 -21.67 5.57 -9.35
N ILE A 129 -22.11 6.83 -9.24
CA ILE A 129 -23.32 7.14 -8.44
C ILE A 129 -24.61 6.48 -8.89
N MET A 130 -24.92 6.59 -10.17
CA MET A 130 -26.15 5.99 -10.72
C MET A 130 -26.18 4.53 -10.32
N HIS A 131 -25.01 3.90 -10.44
CA HIS A 131 -24.87 2.46 -10.21
C HIS A 131 -24.95 2.07 -8.75
N PHE A 132 -24.33 2.87 -7.86
CA PHE A 132 -24.44 2.66 -6.42
C PHE A 132 -25.91 2.77 -6.02
N GLU A 133 -26.56 3.86 -6.45
CA GLU A 133 -28.00 4.06 -6.15
C GLU A 133 -28.86 2.94 -6.70
N ALA A 134 -28.71 2.63 -7.98
CA ALA A 134 -29.49 1.57 -8.59
C ALA A 134 -29.29 0.21 -7.92
N SER A 135 -28.07 -0.05 -7.49
CA SER A 135 -27.75 -1.33 -6.86
C SER A 135 -28.44 -1.49 -5.51
N ILE A 136 -28.53 -0.42 -4.72
CA ILE A 136 -29.29 -0.44 -3.47
C ILE A 136 -30.75 -0.74 -3.81
N PHE A 137 -31.27 -0.08 -4.83
CA PHE A 137 -32.65 -0.30 -5.24
C PHE A 137 -32.91 -1.77 -5.66
N HIS A 138 -32.04 -2.30 -6.51
CA HIS A 138 -32.22 -3.67 -7.02
C HIS A 138 -32.12 -4.69 -5.91
N LEU A 139 -31.25 -4.43 -4.94
CA LEU A 139 -31.20 -5.27 -3.75
C LEU A 139 -32.44 -5.07 -2.85
N PHE A 140 -32.93 -3.84 -2.71
CA PHE A 140 -34.10 -3.58 -1.87
C PHE A 140 -35.32 -4.34 -2.37
N VAL A 141 -35.60 -4.24 -3.66
CA VAL A 141 -36.69 -4.99 -4.26
C VAL A 141 -36.31 -6.44 -4.61
N HIS A 142 -35.03 -6.80 -4.49
CA HIS A 142 -34.49 -8.14 -4.90
C HIS A 142 -34.97 -8.54 -6.31
N ASP A 143 -34.65 -7.68 -7.27
CA ASP A 143 -34.91 -7.94 -8.68
C ASP A 143 -33.83 -8.91 -9.11
N GLU A 144 -34.22 -10.18 -9.21
CA GLU A 144 -33.27 -11.27 -9.46
C GLU A 144 -32.35 -11.09 -10.65
N ASN A 145 -32.82 -10.47 -11.73
CA ASN A 145 -32.01 -10.19 -12.91
C ASN A 145 -30.85 -9.23 -12.59
N TYR A 146 -31.07 -8.31 -11.65
CA TYR A 146 -30.07 -7.28 -11.30
C TYR A 146 -29.30 -7.51 -10.01
N VAL A 147 -29.70 -8.50 -9.20
CA VAL A 147 -28.99 -8.81 -7.94
C VAL A 147 -27.46 -9.10 -8.10
N PRO A 148 -27.08 -9.96 -9.06
CA PRO A 148 -25.64 -10.22 -9.20
C PRO A 148 -24.79 -8.97 -9.51
N THR A 149 -25.18 -8.19 -10.51
CA THR A 149 -24.44 -6.97 -10.87
C THR A 149 -24.50 -5.94 -9.74
N SER A 150 -25.61 -5.91 -9.02
CA SER A 150 -25.75 -5.03 -7.85
C SER A 150 -24.73 -5.37 -6.77
N PHE A 151 -24.51 -6.66 -6.52
CA PHE A 151 -23.40 -7.02 -5.66
C PHE A 151 -22.02 -6.71 -6.23
N LEU A 152 -21.79 -6.91 -7.52
CA LEU A 152 -20.50 -6.52 -8.09
C LEU A 152 -20.26 -5.04 -7.83
N VAL A 153 -21.28 -4.21 -7.99
CA VAL A 153 -21.13 -2.78 -7.74
C VAL A 153 -20.83 -2.46 -6.27
N LEU A 154 -21.70 -2.93 -5.39
CA LEU A 154 -21.60 -2.58 -3.97
C LEU A 154 -20.38 -3.23 -3.26
N ILE A 155 -20.05 -4.49 -3.60
CA ILE A 155 -18.84 -5.12 -3.05
C ILE A 155 -17.65 -4.23 -3.38
N GLN A 156 -17.54 -3.81 -4.64
CA GLN A 156 -16.36 -2.99 -5.05
C GLN A 156 -16.36 -1.57 -4.47
N MET A 157 -17.49 -0.88 -4.54
CA MET A 157 -17.55 0.51 -4.08
C MET A 157 -17.54 0.66 -2.57
N VAL A 158 -17.90 -0.41 -1.85
CA VAL A 158 -17.87 -0.39 -0.38
C VAL A 158 -16.71 -1.20 0.18
N LEU A 159 -16.71 -2.51 -0.06
CA LEU A 159 -15.76 -3.37 0.59
C LEU A 159 -14.34 -3.33 -0.01
N GLU A 160 -14.24 -3.43 -1.34
CA GLU A 160 -12.93 -3.38 -1.98
C GLU A 160 -12.27 -2.00 -1.82
N ALA A 161 -13.08 -0.93 -1.84
CA ALA A 161 -12.66 0.40 -1.50
C ALA A 161 -12.12 0.48 -0.05
N ALA A 162 -12.79 -0.18 0.91
CA ALA A 162 -12.26 -0.25 2.28
C ALA A 162 -10.90 -0.97 2.34
N LYS A 163 -10.77 -2.08 1.60
CA LYS A 163 -9.53 -2.84 1.51
C LYS A 163 -8.35 -2.05 0.90
N PHE A 164 -8.64 -1.17 -0.07
CA PHE A 164 -7.59 -0.50 -0.86
C PHE A 164 -7.85 0.95 -1.10
N LYS A 165 -6.95 1.82 -0.61
CA LYS A 165 -7.07 3.23 -0.84
C LYS A 165 -7.10 3.59 -2.32
N PHE A 166 -6.43 2.81 -3.16
CA PHE A 166 -6.47 3.05 -4.59
C PHE A 166 -7.89 2.99 -5.13
N ILE A 167 -8.65 1.99 -4.69
CA ILE A 167 -9.98 1.79 -5.14
C ILE A 167 -10.90 2.88 -4.54
N GLU A 168 -10.72 3.18 -3.27
CA GLU A 168 -11.39 4.34 -2.66
C GLU A 168 -11.19 5.60 -3.54
N GLN A 169 -9.95 5.88 -3.91
CA GLN A 169 -9.67 7.06 -4.73
C GLN A 169 -10.32 7.03 -6.13
N LYS A 170 -10.38 5.86 -6.76
CA LYS A 170 -11.10 5.68 -8.01
C LYS A 170 -12.54 6.09 -7.86
N VAL A 171 -13.17 5.62 -6.79
CA VAL A 171 -14.56 5.94 -6.54
C VAL A 171 -14.69 7.46 -6.26
N ILE A 172 -13.78 8.01 -5.46
CA ILE A 172 -13.79 9.47 -5.24
C ILE A 172 -13.71 10.26 -6.56
N HIS A 173 -12.78 9.90 -7.45
CA HIS A 173 -12.67 10.51 -8.80
C HIS A 173 -14.05 10.48 -9.50
N SER A 174 -14.70 9.33 -9.43
CA SER A 174 -15.99 9.10 -10.05
C SER A 174 -17.13 9.97 -9.48
N ILE A 175 -17.16 10.13 -8.15
CA ILE A 175 -18.20 10.95 -7.48
C ILE A 175 -17.98 12.43 -7.76
N MET A 176 -16.73 12.87 -7.68
CA MET A 176 -16.44 14.28 -7.85
C MET A 176 -16.88 14.74 -9.21
N ASP A 177 -16.60 13.94 -10.24
CA ASP A 177 -16.90 14.27 -11.64
C ASP A 177 -18.22 13.69 -12.15
N MET A 178 -18.93 12.93 -11.32
CA MET A 178 -20.11 12.17 -11.73
C MET A 178 -19.75 11.48 -13.05
N GLU A 179 -18.58 10.82 -13.07
CA GLU A 179 -18.10 10.16 -14.27
C GLU A 179 -17.90 8.67 -13.96
N ASP A 180 -18.75 7.87 -14.58
CA ASP A 180 -18.78 6.43 -14.35
C ASP A 180 -17.50 5.81 -14.91
N PHE A 181 -17.13 4.65 -14.38
CA PHE A 181 -15.97 3.92 -14.87
C PHE A 181 -16.18 2.43 -14.70
N THR A 182 -15.46 1.65 -15.51
CA THR A 182 -15.33 0.22 -15.26
C THR A 182 -13.94 0.02 -14.69
N PRO A 183 -13.77 -0.92 -13.76
CA PRO A 183 -12.47 -1.16 -13.16
C PRO A 183 -11.51 -1.71 -14.20
N GLY A 184 -10.30 -1.19 -14.22
CA GLY A 184 -9.26 -1.68 -15.09
C GLY A 184 -8.43 -2.71 -14.36
N LEU A 185 -7.32 -3.08 -14.98
CA LEU A 185 -6.40 -4.07 -14.44
C LEU A 185 -5.83 -3.67 -13.10
N ALA A 186 -5.55 -2.37 -12.91
CA ALA A 186 -5.03 -1.86 -11.64
C ALA A 186 -5.97 -2.24 -10.47
N MET A 187 -7.25 -1.91 -10.64
CA MET A 187 -8.25 -2.16 -9.60
C MET A 187 -8.48 -3.67 -9.44
N LEU A 188 -8.66 -4.37 -10.56
CA LEU A 188 -8.93 -5.80 -10.51
C LEU A 188 -7.77 -6.61 -9.92
N SER A 189 -6.51 -6.19 -10.17
CA SER A 189 -5.38 -6.93 -9.64
C SER A 189 -5.30 -6.81 -8.11
N LEU A 190 -5.72 -5.68 -7.54
CA LEU A 190 -5.78 -5.52 -6.10
C LEU A 190 -6.87 -6.46 -5.51
N GLU A 191 -8.05 -6.43 -6.10
CA GLU A 191 -9.15 -7.30 -5.68
C GLU A 191 -8.70 -8.77 -5.69
N GLU A 192 -8.12 -9.19 -6.82
CA GLU A 192 -7.71 -10.57 -7.05
C GLU A 192 -6.69 -11.02 -6.01
N ASN A 193 -5.81 -10.12 -5.57
CA ASN A 193 -4.66 -10.47 -4.75
C ASN A 193 -4.71 -10.10 -3.29
N TRP A 194 -5.87 -9.69 -2.79
CA TRP A 194 -5.97 -9.27 -1.40
C TRP A 194 -5.52 -10.38 -0.45
N THR A 195 -6.04 -11.59 -0.70
CA THR A 195 -5.69 -12.74 0.14
C THR A 195 -4.18 -13.10 0.01
N GLN A 196 -3.68 -13.09 -1.21
CA GLN A 196 -2.26 -13.42 -1.48
C GLN A 196 -1.32 -12.39 -0.85
N LEU A 197 -1.67 -11.11 -0.97
CA LEU A 197 -0.88 -10.05 -0.33
C LEU A 197 -0.88 -10.16 1.17
N SER A 198 -2.03 -10.56 1.70
CA SER A 198 -2.13 -10.80 3.14
C SER A 198 -1.20 -11.91 3.58
N LEU A 199 -1.23 -13.02 2.86
CA LEU A 199 -0.35 -14.16 3.16
C LEU A 199 1.13 -13.75 3.11
N GLN A 200 1.51 -13.08 2.03
CA GLN A 200 2.93 -12.73 1.82
C GLN A 200 3.43 -11.76 2.83
N LEU A 201 2.65 -10.75 3.15
CA LEU A 201 3.05 -9.80 4.15
C LEU A 201 3.32 -10.47 5.49
N GLN A 202 2.40 -11.35 5.90
CA GLN A 202 2.54 -12.01 7.20
C GLN A 202 3.68 -13.03 7.18
N ALA A 203 3.79 -13.77 6.09
CA ALA A 203 4.88 -14.75 5.85
C ALA A 203 6.26 -14.10 5.86
N SER A 204 6.32 -12.87 5.34
CA SER A 204 7.56 -12.11 5.19
C SER A 204 8.25 -11.71 6.48
N GLU A 205 7.55 -11.79 7.61
CA GLU A 205 8.11 -11.54 8.93
C GLU A 205 9.37 -12.38 9.22
N SER A 206 9.42 -13.56 8.63
CA SER A 206 10.55 -14.45 8.81
C SER A 206 11.68 -14.26 7.74
N LEU A 207 11.48 -13.40 6.74
CA LEU A 207 12.46 -13.18 5.65
C LEU A 207 12.81 -11.70 5.49
N ASN A 208 12.90 -10.97 6.58
CA ASN A 208 13.27 -9.54 6.55
C ASN A 208 12.38 -8.70 5.61
N GLY A 209 11.10 -9.08 5.55
CA GLY A 209 10.12 -8.35 4.76
C GLY A 209 10.03 -8.76 3.30
N VAL A 210 10.77 -9.79 2.92
CA VAL A 210 10.77 -10.29 1.56
C VAL A 210 9.71 -11.38 1.49
N PHE A 211 8.96 -11.36 0.41
CA PHE A 211 7.87 -12.33 0.17
C PHE A 211 8.37 -13.70 -0.30
N GLY A 212 7.56 -14.72 -0.05
CA GLY A 212 7.80 -16.05 -0.63
C GLY A 212 7.51 -16.13 -2.12
N ASP A 213 6.54 -15.37 -2.59
CA ASP A 213 6.15 -15.35 -3.99
C ASP A 213 5.85 -13.92 -4.35
N SER A 214 6.17 -13.55 -5.58
CA SER A 214 5.81 -12.22 -6.09
C SER A 214 4.32 -12.11 -6.46
N VAL A 215 3.76 -10.92 -6.30
CA VAL A 215 2.38 -10.61 -6.63
C VAL A 215 2.38 -9.52 -7.70
N SER A 216 1.61 -9.70 -8.78
CA SER A 216 1.56 -8.71 -9.86
C SER A 216 0.42 -7.72 -9.66
N LEU A 217 0.77 -6.46 -9.42
CA LEU A 217 -0.21 -5.38 -9.37
C LEU A 217 -0.04 -4.48 -10.59
N TYR A 218 -1.12 -4.25 -11.32
CA TYR A 218 -1.06 -3.41 -12.51
C TYR A 218 -1.18 -1.95 -12.14
N ASN A 219 -0.49 -1.08 -12.87
CA ASN A 219 -0.72 0.35 -12.73
C ASN A 219 -1.75 0.82 -13.73
N SER A 220 -2.05 2.12 -13.71
CA SER A 220 -3.11 2.69 -14.54
C SER A 220 -2.79 2.70 -16.03
N MET A 221 -1.53 2.44 -16.39
CA MET A 221 -1.09 2.25 -17.78
C MET A 221 -1.05 0.77 -18.20
N ASP A 222 -1.69 -0.10 -17.41
CA ASP A 222 -1.73 -1.55 -17.68
C ASP A 222 -0.39 -2.23 -17.64
N GLU A 223 0.59 -1.69 -16.91
CA GLU A 223 1.92 -2.31 -16.76
C GLU A 223 1.89 -3.09 -15.45
N PRO A 224 2.34 -4.36 -15.46
CA PRO A 224 2.41 -5.10 -14.20
C PRO A 224 3.63 -4.72 -13.39
N ILE A 225 3.44 -4.48 -12.10
CA ILE A 225 4.53 -4.24 -11.17
C ILE A 225 4.64 -5.41 -10.21
N GLY A 226 5.82 -6.02 -10.16
CA GLY A 226 6.05 -7.16 -9.28
C GLY A 226 6.25 -6.69 -7.86
N VAL A 227 5.38 -7.14 -6.95
CA VAL A 227 5.58 -6.87 -5.54
C VAL A 227 6.01 -8.16 -4.87
N ASP A 228 7.29 -8.23 -4.54
CA ASP A 228 7.90 -9.41 -3.90
C ASP A 228 8.49 -9.05 -2.54
N SER A 229 8.02 -7.95 -1.96
CA SER A 229 8.42 -7.56 -0.63
C SER A 229 7.48 -6.52 -0.09
N MET A 230 7.63 -6.19 1.18
CA MET A 230 6.80 -5.13 1.76
C MET A 230 7.27 -3.72 1.38
N TYR A 231 8.32 -3.60 0.58
CA TYR A 231 8.99 -2.30 0.33
C TYR A 231 8.51 -1.61 -0.95
N TYR A 232 7.21 -1.73 -1.23
CA TYR A 232 6.54 -1.12 -2.37
C TYR A 232 5.44 -0.22 -1.87
N PRO A 233 5.53 1.10 -2.14
CA PRO A 233 4.48 2.01 -1.69
C PRO A 233 3.11 1.76 -2.34
N ILE A 234 3.06 1.14 -3.50
CA ILE A 234 1.77 0.77 -4.10
C ILE A 234 1.03 -0.32 -3.28
N LEU A 235 1.72 -0.95 -2.33
CA LEU A 235 1.11 -1.88 -1.40
C LEU A 235 0.92 -1.19 -0.06
N THR A 236 2.00 -0.63 0.49
CA THR A 236 1.97 -0.16 1.87
C THR A 236 1.26 1.19 2.09
N ALA A 237 1.12 2.00 1.04
CA ALA A 237 0.27 3.20 1.10
C ALA A 237 -1.13 2.94 0.52
N ASN A 238 -1.54 1.69 0.43
CA ASN A 238 -2.71 1.35 -0.34
C ASN A 238 -3.58 0.34 0.41
N MET A 239 -3.06 -0.85 0.65
CA MET A 239 -3.83 -1.91 1.32
C MET A 239 -4.06 -1.49 2.77
N ALA A 240 -5.33 -1.39 3.16
CA ALA A 240 -5.68 -0.77 4.44
C ALA A 240 -5.79 -1.77 5.59
N PHE A 241 -6.08 -3.01 5.25
CA PHE A 241 -6.09 -4.11 6.17
C PHE A 241 -5.95 -5.42 5.44
N GLN A 242 -5.62 -6.46 6.20
CA GLN A 242 -5.31 -7.80 5.68
C GLN A 242 -6.21 -8.89 6.25
N LEU A 243 -6.34 -9.96 5.49
CA LEU A 243 -6.94 -11.21 5.96
C LEU A 243 -5.95 -11.89 6.93
N TYR A 244 -6.42 -12.45 8.03
CA TYR A 244 -5.53 -13.17 8.90
C TYR A 244 -5.06 -14.41 8.15
N GLN A 245 -3.77 -14.66 8.16
CA GLN A 245 -3.22 -15.79 7.48
C GLN A 245 -2.20 -16.61 8.24
N CYS A 246 -1.33 -15.99 8.99
CA CYS A 246 -0.26 -16.71 9.64
C CYS A 246 -0.12 -16.53 11.12
N PRO A 247 0.26 -17.57 11.85
CA PRO A 247 0.53 -17.40 13.28
C PRO A 247 1.60 -16.36 13.58
N ASN B 1 -0.37 -22.94 5.98
CA ASN B 1 0.66 -23.66 6.79
C ASN B 1 2.09 -23.38 6.32
N GLU B 2 2.81 -24.23 5.38
CA GLU B 2 4.16 -24.04 4.80
C GLU B 2 4.36 -22.71 4.06
N GLN B 3 3.31 -22.17 3.46
CA GLN B 3 3.49 -20.86 2.85
C GLN B 3 3.77 -19.73 3.85
N CYS B 4 3.50 -20.02 5.11
CA CYS B 4 3.83 -19.00 6.11
C CYS B 4 5.33 -18.96 6.45
N SER B 5 6.10 -19.92 6.06
CA SER B 5 7.51 -20.02 6.38
C SER B 5 8.30 -20.23 5.08
N PRO B 6 8.36 -19.21 4.19
CA PRO B 6 9.18 -19.34 2.98
C PRO B 6 10.63 -19.59 3.35
N GLN B 7 11.28 -20.53 2.67
CA GLN B 7 12.63 -20.92 3.07
C GLN B 7 13.68 -20.02 2.42
N GLN B 8 13.34 -19.42 1.28
CA GLN B 8 14.21 -18.43 0.67
C GLN B 8 13.49 -17.65 -0.40
N ARG B 9 14.11 -16.52 -0.77
CA ARG B 9 13.68 -15.81 -1.93
C ARG B 9 14.88 -15.06 -2.48
N THR B 10 15.06 -15.18 -3.80
CA THR B 10 16.05 -14.43 -4.55
C THR B 10 15.40 -13.20 -5.18
N THR B 11 16.05 -12.06 -4.99
CA THR B 11 15.53 -10.80 -5.44
C THR B 11 16.72 -9.84 -5.72
N ARG B 12 16.43 -8.56 -5.96
CA ARG B 12 17.47 -7.57 -6.16
C ARG B 12 17.32 -6.56 -5.05
N ILE B 13 18.32 -5.70 -4.88
CA ILE B 13 18.30 -4.63 -3.87
C ILE B 13 18.71 -3.37 -4.60
N SER B 14 17.80 -2.41 -4.67
CA SER B 14 18.07 -1.14 -5.30
C SER B 14 17.92 -0.02 -4.29
N GLY B 15 18.53 1.11 -4.59
CA GLY B 15 18.52 2.23 -3.64
C GLY B 15 18.85 3.51 -4.36
N ARG B 16 19.85 4.20 -3.85
CA ARG B 16 20.24 5.55 -4.28
C ARG B 16 20.22 5.65 -5.79
N ASP B 17 19.44 6.61 -6.30
CA ASP B 17 19.29 6.91 -7.73
C ASP B 17 18.81 5.70 -8.56
N GLY B 18 18.23 4.67 -7.93
CA GLY B 18 17.74 3.53 -8.65
C GLY B 18 18.79 2.52 -9.07
N LEU B 19 20.03 2.66 -8.56
CA LEU B 19 21.07 1.68 -8.79
C LEU B 19 20.91 0.47 -7.90
N CYS B 20 21.60 -0.61 -8.28
CA CYS B 20 21.52 -1.88 -7.58
C CYS B 20 22.75 -2.20 -6.78
N VAL B 21 22.53 -2.93 -5.70
CA VAL B 21 23.57 -3.51 -4.89
C VAL B 21 24.24 -4.64 -5.68
N ASP B 22 25.56 -4.58 -5.79
CA ASP B 22 26.31 -5.32 -6.82
C ASP B 22 27.65 -5.74 -6.22
N VAL B 23 27.94 -7.04 -6.20
CA VAL B 23 29.29 -7.50 -5.88
C VAL B 23 30.21 -7.22 -7.08
N TYR B 24 31.15 -6.32 -6.87
CA TYR B 24 31.88 -5.75 -7.97
C TYR B 24 32.65 -6.84 -8.74
N GLY B 25 32.48 -6.86 -10.05
CA GLY B 25 33.15 -7.84 -10.91
C GLY B 25 32.74 -9.30 -10.70
N ALA B 26 31.66 -9.51 -9.94
CA ALA B 26 31.24 -10.86 -9.53
C ALA B 26 32.38 -11.68 -8.91
N LEU B 27 33.25 -11.01 -8.16
CA LEU B 27 34.36 -11.65 -7.48
C LEU B 27 33.87 -12.34 -6.22
N THR B 28 34.42 -13.52 -5.94
CA THR B 28 33.91 -14.38 -4.86
C THR B 28 34.84 -14.54 -3.66
N ALA B 29 36.04 -13.97 -3.73
CA ALA B 29 36.97 -14.03 -2.61
C ALA B 29 36.36 -13.38 -1.39
N ASP B 30 36.65 -13.91 -0.21
CA ASP B 30 36.20 -13.29 1.03
C ASP B 30 36.66 -11.85 1.10
N GLY B 31 35.72 -10.96 1.43
CA GLY B 31 35.97 -9.53 1.46
C GLY B 31 35.83 -8.83 0.13
N SER B 32 35.34 -9.52 -0.91
CA SER B 32 35.04 -8.87 -2.18
C SER B 32 33.99 -7.77 -1.95
N ARG B 33 34.29 -6.55 -2.40
CA ARG B 33 33.49 -5.37 -2.06
C ARG B 33 32.19 -5.28 -2.87
N VAL B 34 31.20 -4.63 -2.27
CA VAL B 34 29.92 -4.41 -2.89
C VAL B 34 29.77 -2.91 -3.19
N ILE B 35 29.23 -2.61 -4.37
CA ILE B 35 29.08 -1.26 -4.90
C ILE B 35 27.66 -1.00 -5.37
N LEU B 36 27.37 0.24 -5.76
CA LEU B 36 26.18 0.50 -6.57
C LEU B 36 26.52 0.48 -8.02
N TYR B 37 25.63 -0.09 -8.83
CA TYR B 37 25.87 -0.24 -10.26
C TYR B 37 24.51 -0.29 -10.95
N PRO B 38 24.42 0.18 -12.20
CA PRO B 38 23.15 0.09 -12.90
C PRO B 38 22.56 -1.32 -12.87
N CYS B 39 21.24 -1.38 -12.71
CA CYS B 39 20.56 -2.64 -12.48
C CYS B 39 20.55 -3.52 -13.72
N GLY B 40 20.70 -4.80 -13.54
CA GLY B 40 20.62 -5.74 -14.67
C GLY B 40 20.33 -7.12 -14.15
N GLN B 41 20.48 -8.13 -15.02
CA GLN B 41 20.12 -9.51 -14.67
C GLN B 41 21.27 -10.40 -14.19
N GLN B 42 22.45 -9.79 -14.04
CA GLN B 42 23.65 -10.52 -13.62
C GLN B 42 23.57 -11.10 -12.21
N GLN B 43 24.23 -12.24 -12.05
CA GLN B 43 24.19 -13.02 -10.81
C GLN B 43 24.74 -12.29 -9.62
N ASN B 44 25.71 -11.40 -9.86
CA ASN B 44 26.30 -10.62 -8.78
C ASN B 44 25.41 -9.45 -8.26
N GLN B 45 24.20 -9.32 -8.81
CA GLN B 45 23.15 -8.44 -8.26
C GLN B 45 21.92 -9.23 -7.72
N GLN B 46 22.03 -10.55 -7.63
CA GLN B 46 20.93 -11.39 -7.11
C GLN B 46 21.23 -11.68 -5.67
N TRP B 47 20.34 -11.28 -4.78
CA TRP B 47 20.50 -11.43 -3.35
C TRP B 47 19.43 -12.39 -2.83
N THR B 48 19.86 -13.43 -2.17
CA THR B 48 18.92 -14.42 -1.66
C THR B 48 18.81 -14.23 -0.16
N PHE B 49 17.57 -14.09 0.29
CA PHE B 49 17.23 -13.89 1.69
C PHE B 49 16.79 -15.23 2.25
N TYR B 50 17.29 -15.50 3.45
CA TYR B 50 17.05 -16.74 4.18
C TYR B 50 16.56 -16.41 5.56
N PRO B 51 15.82 -17.34 6.22
CA PRO B 51 15.30 -17.02 7.55
C PRO B 51 16.35 -16.95 8.67
N ASP B 52 17.62 -17.22 8.37
CA ASP B 52 18.72 -16.95 9.33
C ASP B 52 19.23 -15.50 9.31
N ASN B 53 18.54 -14.58 8.62
CA ASN B 53 18.94 -13.16 8.53
C ASN B 53 20.25 -12.93 7.77
N THR B 54 20.58 -13.86 6.88
CA THR B 54 21.63 -13.66 5.90
C THR B 54 21.03 -13.21 4.58
N ILE B 55 21.88 -12.54 3.82
CA ILE B 55 21.56 -11.96 2.53
C ILE B 55 22.75 -12.32 1.66
N ARG B 56 22.52 -13.10 0.62
CA ARG B 56 23.61 -13.83 -0.05
C ARG B 56 23.66 -13.59 -1.53
N SER B 57 24.88 -13.46 -2.06
CA SER B 57 25.05 -13.45 -3.50
C SER B 57 26.30 -14.29 -3.82
N LEU B 58 26.25 -14.96 -4.95
CA LEU B 58 27.33 -15.85 -5.40
C LEU B 58 27.67 -16.88 -4.32
N GLY B 59 26.69 -17.28 -3.52
CA GLY B 59 26.90 -18.21 -2.41
C GLY B 59 27.45 -17.67 -1.12
N LYS B 60 27.73 -16.36 -1.04
CA LYS B 60 28.40 -15.80 0.13
C LYS B 60 27.57 -14.68 0.73
N CYS B 61 27.91 -14.32 1.96
CA CYS B 61 27.04 -13.43 2.75
C CYS B 61 27.44 -11.95 2.72
N LEU B 62 26.45 -11.11 2.47
CA LEU B 62 26.59 -9.67 2.66
C LEU B 62 26.98 -9.40 4.11
N ALA B 63 27.96 -8.52 4.33
CA ALA B 63 28.43 -8.24 5.69
C ALA B 63 29.19 -6.93 5.78
N THR B 64 29.11 -6.28 6.94
CA THR B 64 30.04 -5.17 7.23
C THR B 64 31.46 -5.73 7.41
N SER B 65 32.44 -4.85 7.32
CA SER B 65 33.81 -5.24 7.44
C SER B 65 34.54 -4.56 8.60
N ALA B 66 33.83 -3.85 9.43
CA ALA B 66 34.41 -3.20 10.56
C ALA B 66 33.35 -2.83 11.55
N LEU B 67 33.75 -2.63 12.81
CA LEU B 67 32.81 -2.27 13.84
C LEU B 67 32.47 -0.81 13.83
N SER B 68 33.37 0.02 13.33
CA SER B 68 33.11 1.42 13.26
C SER B 68 32.80 1.79 11.84
N SER B 69 32.19 2.92 11.68
CA SER B 69 31.75 3.41 10.40
C SER B 69 32.81 3.76 9.38
N GLY B 70 32.46 3.63 8.12
CA GLY B 70 33.33 4.04 7.01
C GLY B 70 34.04 2.96 6.24
N SER B 71 33.93 1.69 6.65
CA SER B 71 34.54 0.56 5.93
C SER B 71 33.54 -0.08 4.95
N ASN B 72 34.07 -0.77 3.96
CA ASN B 72 33.24 -1.38 2.95
C ASN B 72 32.31 -2.47 3.49
N VAL B 73 31.17 -2.59 2.83
CA VAL B 73 30.32 -3.77 2.94
C VAL B 73 30.84 -4.73 1.87
N VAL B 74 30.86 -6.00 2.23
CA VAL B 74 31.52 -7.04 1.44
C VAL B 74 30.65 -8.27 1.40
N ILE B 75 31.08 -9.26 0.63
CA ILE B 75 30.63 -10.62 0.80
C ILE B 75 31.74 -11.46 1.41
N THR B 76 31.34 -12.46 2.18
CA THR B 76 32.29 -13.34 2.85
C THR B 76 31.65 -14.69 3.17
N ASN B 77 32.48 -15.69 3.43
CA ASN B 77 32.01 -17.05 3.67
C ASN B 77 30.99 -17.01 4.82
N CYS B 78 29.81 -17.57 4.56
CA CYS B 78 28.73 -17.52 5.54
C CYS B 78 29.05 -18.27 6.85
N ASP B 79 29.99 -19.23 6.80
CA ASP B 79 30.52 -19.89 8.02
C ASP B 79 31.22 -18.96 9.00
N TYR B 80 31.88 -17.92 8.49
CA TYR B 80 32.44 -16.84 9.34
C TYR B 80 31.37 -16.11 10.20
N LEU B 81 30.09 -16.24 9.87
CA LEU B 81 29.01 -15.55 10.58
C LEU B 81 28.15 -16.46 11.46
N ARG B 82 28.58 -17.71 11.68
CA ARG B 82 27.75 -18.73 12.38
C ARG B 82 27.21 -18.24 13.73
N TYR B 83 28.07 -17.59 14.52
CA TYR B 83 27.68 -16.97 15.78
C TYR B 83 27.42 -15.46 15.61
N ASP B 84 26.67 -15.09 14.57
CA ASP B 84 26.26 -13.69 14.32
C ASP B 84 24.75 -13.60 14.04
N ASP B 85 24.13 -12.54 14.55
CA ASP B 85 22.68 -12.32 14.44
C ASP B 85 22.22 -11.76 13.09
N GLY B 86 23.14 -11.16 12.31
CA GLY B 86 22.90 -10.88 10.89
C GLY B 86 22.30 -9.52 10.61
N TRP B 87 21.49 -9.45 9.55
CA TRP B 87 20.90 -8.20 9.10
C TRP B 87 19.45 -8.07 9.53
N MET B 88 19.05 -6.86 9.87
CA MET B 88 17.65 -6.55 10.16
C MET B 88 17.25 -5.39 9.25
N VAL B 89 16.16 -5.57 8.51
CA VAL B 89 15.68 -4.58 7.58
C VAL B 89 14.42 -3.98 8.19
N SER B 90 14.41 -2.67 8.33
CA SER B 90 13.29 -1.99 8.95
C SER B 90 12.18 -1.86 7.92
N SER B 91 10.97 -1.62 8.40
CA SER B 91 9.82 -1.42 7.51
C SER B 91 10.00 -0.26 6.52
N SER B 92 10.81 0.73 6.89
CA SER B 92 11.17 1.82 5.98
C SER B 92 12.42 1.56 5.08
N GLY B 93 12.97 0.36 5.02
CA GLY B 93 14.07 0.07 4.10
C GLY B 93 15.46 0.44 4.60
N THR B 94 15.63 0.62 5.91
CA THR B 94 16.95 0.77 6.49
C THR B 94 17.51 -0.66 6.68
N MET B 95 18.70 -0.91 6.13
CA MET B 95 19.34 -2.21 6.28
C MET B 95 20.47 -2.15 7.31
N MET B 96 20.26 -2.82 8.45
CA MET B 96 21.09 -2.62 9.65
C MET B 96 21.74 -3.91 10.07
N ASN B 97 23.04 -3.84 10.37
CA ASN B 97 23.74 -4.92 11.06
C ASN B 97 23.28 -4.94 12.52
N LYS B 98 22.67 -6.04 12.96
CA LYS B 98 21.98 -6.10 14.26
C LYS B 98 22.90 -5.83 15.45
N SER B 99 24.14 -6.33 15.34
CA SER B 99 25.15 -6.17 16.36
C SER B 99 25.74 -4.76 16.42
N SER B 100 26.30 -4.29 15.31
CA SER B 100 26.98 -2.99 15.31
C SER B 100 26.06 -1.79 15.17
N HIS B 101 24.84 -2.02 14.67
CA HIS B 101 23.90 -0.96 14.31
C HIS B 101 24.32 -0.11 13.09
N LEU B 102 25.42 -0.47 12.42
CA LEU B 102 25.79 0.24 11.18
C LEU B 102 24.77 -0.10 10.10
N VAL B 103 24.54 0.84 9.19
CA VAL B 103 23.57 0.61 8.11
C VAL B 103 24.23 0.72 6.74
N LEU B 104 23.69 -0.04 5.79
CA LEU B 104 24.16 -0.01 4.42
C LEU B 104 23.96 1.38 3.84
N THR B 105 25.05 1.96 3.35
CA THR B 105 25.07 3.35 2.89
C THR B 105 25.84 3.48 1.59
N ALA B 106 25.28 4.24 0.65
CA ALA B 106 25.98 4.77 -0.53
C ALA B 106 26.38 6.23 -0.26
N ASN B 107 27.55 6.41 0.35
CA ASN B 107 27.91 7.65 1.04
C ASN B 107 28.53 8.75 0.21
N ALA B 108 29.17 8.41 -0.91
CA ALA B 108 29.97 9.37 -1.68
C ALA B 108 29.11 10.47 -2.33
N ALA B 109 29.76 11.51 -2.87
CA ALA B 109 29.03 12.55 -3.58
C ALA B 109 28.42 12.03 -4.88
N THR B 110 28.94 10.91 -5.38
CA THR B 110 28.35 10.22 -6.51
C THR B 110 27.69 8.92 -6.07
N SER B 111 26.68 8.53 -6.86
CA SER B 111 26.00 7.22 -6.84
C SER B 111 26.96 6.06 -7.22
N ARG B 112 27.93 6.33 -8.06
CA ARG B 112 28.91 5.35 -8.53
C ARG B 112 29.93 5.17 -7.42
N THR B 113 29.55 4.41 -6.43
CA THR B 113 30.29 4.29 -5.23
C THR B 113 30.35 2.94 -4.50
N ASN B 114 31.37 2.82 -3.67
CA ASN B 114 31.52 1.70 -2.81
C ASN B 114 30.38 1.87 -1.77
N LEU B 115 29.84 0.75 -1.34
CA LEU B 115 28.86 0.74 -0.29
C LEU B 115 29.61 0.53 1.02
N THR B 116 29.24 1.28 2.06
CA THR B 116 29.88 1.21 3.37
C THR B 116 28.86 1.03 4.49
N GLY B 117 29.35 0.67 5.66
CA GLY B 117 28.53 0.56 6.86
C GLY B 117 28.75 1.85 7.61
N GLU B 118 27.68 2.63 7.77
CA GLU B 118 27.78 3.94 8.41
C GLU B 118 26.78 4.06 9.52
N ASN B 119 26.97 5.08 10.35
CA ASN B 119 25.96 5.43 11.35
C ASN B 119 24.68 5.86 10.66
N ASN B 120 23.54 5.39 11.14
CA ASN B 120 22.27 5.74 10.56
C ASN B 120 21.83 7.17 10.89
N VAL B 121 21.59 7.96 9.87
CA VAL B 121 20.92 9.25 10.01
C VAL B 121 19.64 9.36 9.18
N PHE B 122 19.18 8.23 8.64
CA PHE B 122 17.96 8.17 7.82
C PHE B 122 18.05 8.98 6.54
N ALA B 123 19.26 9.11 5.99
CA ALA B 123 19.50 9.77 4.71
C ALA B 123 18.89 8.92 3.60
N ALA B 124 18.55 9.56 2.49
CA ALA B 124 18.09 8.83 1.31
C ALA B 124 19.14 7.86 0.82
N LYS B 125 20.41 8.20 1.01
CA LYS B 125 21.48 7.32 0.63
C LYS B 125 21.63 6.13 1.57
N GLN B 126 20.77 6.02 2.59
CA GLN B 126 20.70 4.88 3.47
C GLN B 126 19.34 4.19 3.41
N ALA B 127 18.60 4.41 2.32
CA ALA B 127 17.29 3.81 2.09
C ALA B 127 17.36 2.84 0.93
N TRP B 128 16.66 1.71 1.04
CA TRP B 128 16.77 0.62 0.10
C TRP B 128 15.40 0.05 -0.16
N ARG B 129 15.17 -0.35 -1.41
CA ARG B 129 14.04 -1.19 -1.80
C ARG B 129 14.56 -2.56 -2.14
N ILE B 130 14.25 -3.53 -1.29
CA ILE B 130 14.56 -4.92 -1.59
C ILE B 130 13.38 -5.39 -2.47
N GLY B 131 13.69 -5.83 -3.67
CA GLY B 131 12.68 -6.26 -4.60
C GLY B 131 13.17 -6.39 -6.02
N ASN B 132 12.53 -7.24 -6.80
CA ASN B 132 13.04 -7.51 -8.14
C ASN B 132 12.75 -6.36 -9.09
N TYR B 133 11.63 -5.68 -8.86
CA TYR B 133 11.21 -4.57 -9.69
C TYR B 133 11.89 -3.33 -9.11
N VAL B 134 12.84 -2.80 -9.86
CA VAL B 134 13.77 -1.79 -9.36
C VAL B 134 13.46 -0.37 -9.88
N GLU B 135 12.49 -0.25 -10.78
CA GLU B 135 12.24 0.98 -11.48
C GLU B 135 11.52 1.94 -10.54
N PRO B 136 11.63 3.24 -10.85
CA PRO B 136 10.77 4.19 -10.14
C PRO B 136 9.30 3.96 -10.42
N ILE B 137 8.47 4.11 -9.40
CA ILE B 137 7.06 3.91 -9.59
C ILE B 137 6.46 5.28 -9.87
N VAL B 138 5.86 5.42 -11.03
CA VAL B 138 5.23 6.68 -11.47
C VAL B 138 3.81 6.80 -10.92
N THR B 139 3.50 7.91 -10.26
CA THR B 139 2.22 8.02 -9.54
C THR B 139 1.82 9.49 -9.36
N THR B 140 0.56 9.69 -9.01
CA THR B 140 0.11 10.97 -8.47
C THR B 140 0.08 10.75 -6.97
N ILE B 141 0.05 11.87 -6.25
CA ILE B 141 0.10 11.84 -4.81
C ILE B 141 -1.05 12.73 -4.40
N ILE B 142 -2.03 12.15 -3.71
CA ILE B 142 -3.29 12.81 -3.44
C ILE B 142 -3.32 13.20 -1.98
N GLY B 143 -3.77 14.42 -1.71
CA GLY B 143 -3.76 14.94 -0.34
C GLY B 143 -5.06 15.64 -0.04
N LEU B 144 -4.97 16.69 0.78
CA LEU B 144 -6.16 17.38 1.27
C LEU B 144 -7.08 17.89 0.16
N ARG B 145 -8.37 17.91 0.45
CA ARG B 145 -9.44 18.30 -0.51
C ARG B 145 -9.40 17.47 -1.79
N HIS B 146 -8.89 16.23 -1.67
CA HIS B 146 -8.79 15.30 -2.79
C HIS B 146 -7.93 15.86 -3.92
N MET B 147 -6.95 16.70 -3.59
CA MET B 147 -6.14 17.34 -4.59
C MET B 147 -4.84 16.59 -4.80
N CYS B 148 -4.13 16.97 -5.87
CA CYS B 148 -2.88 16.35 -6.30
C CYS B 148 -1.70 17.27 -6.03
N LEU B 149 -0.60 16.72 -5.55
CA LEU B 149 0.65 17.50 -5.44
C LEU B 149 1.14 17.81 -6.86
N GLU B 150 1.59 19.03 -7.07
CA GLU B 150 2.05 19.47 -8.37
C GLU B 150 3.38 20.20 -8.23
N ALA B 151 4.32 19.92 -9.15
CA ALA B 151 5.60 20.62 -9.18
C ALA B 151 5.37 21.96 -9.87
N THR B 152 5.76 23.04 -9.20
CA THR B 152 5.40 24.39 -9.65
C THR B 152 6.64 25.30 -9.69
N ASP B 153 6.44 26.49 -10.26
CA ASP B 153 7.49 27.51 -10.33
C ASP B 153 8.78 26.95 -10.93
N ASN B 154 8.66 26.41 -12.15
CA ASN B 154 9.77 25.79 -12.86
C ASN B 154 10.45 24.74 -12.01
N ASP B 155 9.65 23.86 -11.43
CA ASP B 155 10.12 22.75 -10.61
C ASP B 155 10.97 23.15 -9.40
N THR B 156 10.62 24.24 -8.74
CA THR B 156 11.26 24.61 -7.47
C THR B 156 10.33 24.51 -6.25
N ASN B 157 9.02 24.53 -6.47
CA ASN B 157 8.05 24.48 -5.40
C ASN B 157 7.06 23.36 -5.64
N VAL B 158 6.26 23.07 -4.63
CA VAL B 158 5.26 21.99 -4.70
C VAL B 158 4.06 22.40 -3.85
N TRP B 159 2.85 22.20 -4.36
CA TRP B 159 1.65 22.39 -3.56
C TRP B 159 0.50 21.63 -4.18
N LEU B 160 -0.67 21.66 -3.53
CA LEU B 160 -1.85 20.95 -4.02
C LEU B 160 -2.63 21.74 -5.06
N GLU B 161 -3.06 21.03 -6.11
CA GLU B 161 -3.90 21.57 -7.17
C GLU B 161 -4.93 20.48 -7.53
N SER B 162 -6.04 20.89 -8.13
CA SER B 162 -7.06 19.93 -8.59
C SER B 162 -6.41 18.94 -9.54
N CYS B 163 -6.69 17.66 -9.34
CA CYS B 163 -6.14 16.60 -10.17
C CYS B 163 -6.64 16.72 -11.60
N VAL B 164 -5.71 16.65 -12.52
CA VAL B 164 -5.97 16.67 -13.94
C VAL B 164 -5.17 15.50 -14.50
N LYS B 165 -5.86 14.50 -15.03
CA LYS B 165 -5.23 13.33 -15.61
C LYS B 165 -4.24 13.72 -16.69
N ASN B 166 -3.09 13.12 -16.65
CA ASN B 166 -2.07 13.39 -17.61
C ASN B 166 -1.40 14.77 -17.52
N LYS B 167 -1.79 15.65 -16.60
CA LYS B 167 -1.05 16.90 -16.40
C LYS B 167 0.35 16.57 -15.87
N THR B 168 1.35 16.88 -16.69
CA THR B 168 2.69 16.36 -16.57
C THR B 168 3.28 16.59 -15.17
N LYS B 169 3.07 17.78 -14.63
CA LYS B 169 3.72 18.15 -13.38
C LYS B 169 3.08 17.58 -12.13
N GLN B 170 2.01 16.82 -12.29
CA GLN B 170 1.35 16.12 -11.18
C GLN B 170 1.85 14.68 -11.04
N TYR B 171 2.80 14.27 -11.88
CA TYR B 171 3.34 12.91 -11.79
C TYR B 171 4.69 12.92 -11.10
N TRP B 172 4.86 11.93 -10.22
CA TRP B 172 6.02 11.76 -9.39
C TRP B 172 6.60 10.39 -9.59
N ALA B 173 7.91 10.33 -9.52
CA ALA B 173 8.63 9.08 -9.58
C ALA B 173 9.15 8.68 -8.23
N LEU B 174 8.57 7.61 -7.69
CA LEU B 174 8.98 7.09 -6.40
C LEU B 174 10.15 6.17 -6.57
N TYR B 175 11.30 6.62 -6.12
CA TYR B 175 12.57 5.86 -6.28
C TYR B 175 12.86 4.90 -5.14
N SER B 176 13.79 3.98 -5.39
CA SER B 176 14.16 2.95 -4.43
C SER B 176 14.85 3.48 -3.17
N ASP B 177 15.34 4.71 -3.24
CA ASP B 177 15.96 5.37 -2.12
C ASP B 177 14.97 6.22 -1.34
N ASP B 178 13.67 5.98 -1.53
CA ASP B 178 12.63 6.73 -0.85
C ASP B 178 12.54 8.20 -1.26
N THR B 179 13.13 8.57 -2.41
CA THR B 179 12.95 9.92 -2.92
C THR B 179 11.69 10.00 -3.74
N ILE B 180 11.14 11.21 -3.80
CA ILE B 180 9.95 11.53 -4.56
C ILE B 180 10.40 12.52 -5.61
N ARG B 181 10.51 12.06 -6.85
CA ARG B 181 11.13 12.85 -7.91
C ARG B 181 10.14 13.38 -8.91
N VAL B 182 10.47 14.54 -9.48
CA VAL B 182 9.65 15.15 -10.51
C VAL B 182 9.73 14.19 -11.71
N ASN B 183 8.59 13.76 -12.21
CA ASN B 183 8.59 12.60 -13.10
C ASN B 183 9.35 12.88 -14.41
N ASN B 184 9.21 14.08 -14.92
CA ASN B 184 9.96 14.43 -16.15
C ASN B 184 11.23 15.22 -15.92
N ASN B 185 11.67 15.32 -14.66
CA ASN B 185 13.04 15.72 -14.36
C ASN B 185 13.51 15.00 -13.14
N ARG B 186 13.99 13.78 -13.37
CA ARG B 186 14.30 12.91 -12.28
C ARG B 186 15.61 13.23 -11.56
N ASN B 187 16.23 14.37 -11.89
CA ASN B 187 17.30 14.89 -11.06
C ASN B 187 16.78 15.81 -9.97
N LEU B 188 15.48 16.00 -9.88
CA LEU B 188 14.91 16.89 -8.86
C LEU B 188 14.07 16.11 -7.88
N CYS B 189 14.21 16.42 -6.60
CA CYS B 189 13.63 15.65 -5.49
C CYS B 189 12.78 16.60 -4.61
N VAL B 190 11.64 16.11 -4.12
CA VAL B 190 10.89 16.81 -3.06
C VAL B 190 11.81 16.80 -1.82
N SER B 191 11.97 17.98 -1.20
CA SER B 191 12.96 18.20 -0.15
C SER B 191 12.36 19.02 0.99
N SER B 192 12.63 18.60 2.22
CA SER B 192 12.31 19.45 3.38
C SER B 192 13.28 20.61 3.35
N SER B 193 12.91 21.68 4.02
CA SER B 193 13.69 22.92 3.99
C SER B 193 15.14 22.72 4.41
N THR B 194 16.05 23.39 3.74
CA THR B 194 17.45 23.40 4.20
C THR B 194 17.73 24.70 4.98
N ASP B 195 16.74 25.58 5.08
CA ASP B 195 16.83 26.82 5.86
C ASP B 195 16.04 26.63 7.15
N SER B 196 16.70 26.70 8.30
CA SER B 196 16.02 26.40 9.56
C SER B 196 14.87 27.37 9.91
N SER B 197 14.87 28.56 9.30
CA SER B 197 13.78 29.53 9.46
C SER B 197 12.48 29.11 8.79
N SER B 198 12.56 28.20 7.82
CA SER B 198 11.39 27.79 7.07
C SER B 198 11.08 26.31 7.24
N LYS B 199 9.80 25.98 7.37
CA LYS B 199 9.35 24.59 7.34
C LYS B 199 8.83 24.16 5.97
N LEU B 200 8.98 25.02 4.95
CA LEU B 200 8.39 24.80 3.64
C LEU B 200 9.12 23.67 2.88
N ILE B 201 8.31 22.74 2.38
CA ILE B 201 8.80 21.67 1.53
C ILE B 201 8.89 22.24 0.11
N VAL B 202 9.99 21.94 -0.57
CA VAL B 202 10.34 22.52 -1.86
C VAL B 202 10.87 21.39 -2.77
N ILE B 203 11.31 21.76 -3.96
CA ILE B 203 11.97 20.81 -4.89
C ILE B 203 13.37 21.31 -5.13
N ARG B 204 14.35 20.42 -4.92
CA ARG B 204 15.74 20.72 -5.11
C ARG B 204 16.46 19.58 -5.82
N ARG B 205 17.65 19.90 -6.27
CA ARG B 205 18.53 18.87 -6.83
C ARG B 205 18.72 17.67 -5.86
N CYS B 206 18.48 16.44 -6.38
CA CYS B 206 18.67 15.25 -5.59
C CYS B 206 20.10 15.17 -5.08
N ASP B 207 20.25 14.97 -3.77
CA ASP B 207 21.58 14.92 -3.15
C ASP B 207 21.75 13.87 -2.09
N GLY B 208 20.79 12.95 -1.97
CA GLY B 208 20.91 11.85 -1.01
C GLY B 208 20.63 12.18 0.45
N SER B 209 20.21 13.41 0.71
CA SER B 209 20.15 13.91 2.10
C SER B 209 18.95 13.31 2.86
N ILE B 210 18.96 13.55 4.17
CA ILE B 210 17.81 13.27 5.07
C ILE B 210 16.58 13.99 4.60
N ASN B 211 16.81 15.21 4.10
CA ASN B 211 15.73 16.08 3.61
C ASN B 211 14.87 15.48 2.52
N GLN B 212 15.42 14.53 1.81
CA GLN B 212 14.77 13.98 0.66
C GLN B 212 14.26 12.54 0.80
N ARG B 213 14.36 11.99 2.00
CA ARG B 213 13.93 10.63 2.28
C ARG B 213 12.51 10.63 2.85
N TRP B 214 11.58 10.01 2.15
CA TRP B 214 10.18 10.01 2.51
C TRP B 214 9.61 8.60 2.54
N VAL B 215 8.81 8.34 3.56
CA VAL B 215 8.24 7.02 3.77
C VAL B 215 6.73 7.14 3.78
N PHE B 216 6.07 6.38 2.90
CA PHE B 216 4.61 6.33 2.92
C PHE B 216 4.20 5.31 3.97
N THR B 217 3.61 5.79 5.07
CA THR B 217 3.38 5.01 6.27
C THR B 217 2.03 4.31 6.21
N PRO B 218 1.85 3.20 6.92
CA PRO B 218 0.52 2.56 6.86
C PRO B 218 -0.61 3.44 7.43
N GLN B 219 -0.27 4.31 8.37
CA GLN B 219 -1.22 5.27 8.95
C GLN B 219 -1.58 6.47 8.08
N GLY B 220 -1.08 6.52 6.84
CA GLY B 220 -1.56 7.44 5.83
C GLY B 220 -0.74 8.72 5.73
N THR B 221 0.39 8.80 6.42
CA THR B 221 1.25 9.98 6.34
C THR B 221 2.45 9.78 5.36
N ILE B 222 3.10 10.90 5.02
CA ILE B 222 4.36 10.88 4.30
C ILE B 222 5.39 11.42 5.31
N SER B 223 6.17 10.49 5.83
CA SER B 223 7.08 10.73 6.95
C SER B 223 8.50 10.96 6.49
N ASN B 224 9.16 11.92 7.14
CA ASN B 224 10.60 12.04 7.08
C ASN B 224 11.15 11.45 8.36
N PRO B 225 11.63 10.20 8.31
CA PRO B 225 12.01 9.56 9.54
C PRO B 225 13.19 10.25 10.23
N GLY B 226 14.13 10.77 9.46
CA GLY B 226 15.30 11.45 10.05
C GLY B 226 14.88 12.66 10.87
N TYR B 227 13.90 13.40 10.38
CA TYR B 227 13.44 14.61 11.07
C TYR B 227 12.20 14.38 11.95
N GLU B 228 11.76 13.13 12.03
CA GLU B 228 10.65 12.72 12.92
C GLU B 228 9.44 13.64 12.72
N ALA B 229 9.09 13.86 11.44
CA ALA B 229 8.03 14.77 11.07
C ALA B 229 7.42 14.29 9.77
N VAL B 230 6.29 14.88 9.41
CA VAL B 230 5.50 14.43 8.27
C VAL B 230 5.09 15.60 7.41
N MET B 231 4.78 15.32 6.15
CA MET B 231 4.24 16.32 5.26
C MET B 231 2.87 16.77 5.73
N ASP B 232 2.62 18.07 5.67
CA ASP B 232 1.36 18.66 6.13
C ASP B 232 1.01 19.85 5.26
N VAL B 233 -0.28 20.12 5.10
CA VAL B 233 -0.77 21.25 4.33
C VAL B 233 -0.88 22.40 5.31
N ALA B 234 -0.18 23.50 4.99
CA ALA B 234 -0.14 24.66 5.89
C ALA B 234 -1.54 25.10 6.23
N GLN B 235 -1.80 25.22 7.53
CA GLN B 235 -3.09 25.69 8.05
C GLN B 235 -4.28 24.82 7.59
N ASN B 236 -4.02 23.58 7.16
CA ASN B 236 -5.06 22.78 6.52
C ASN B 236 -5.81 23.56 5.45
N ASP B 237 -5.07 24.37 4.70
CA ASP B 237 -5.64 25.24 3.72
C ASP B 237 -4.88 25.16 2.41
N VAL B 238 -5.46 24.41 1.48
CA VAL B 238 -4.76 24.16 0.21
C VAL B 238 -4.52 25.42 -0.62
N TYR B 239 -5.33 26.46 -0.42
CA TYR B 239 -5.16 27.70 -1.17
C TYR B 239 -4.00 28.54 -0.73
N LEU B 240 -3.39 28.22 0.40
CA LEU B 240 -2.11 28.86 0.76
C LEU B 240 -0.88 28.42 -0.06
N LYS B 241 -1.02 27.37 -0.88
CA LYS B 241 0.06 26.90 -1.71
C LYS B 241 1.34 26.60 -0.92
N LYS B 242 1.19 25.95 0.23
CA LYS B 242 2.34 25.60 1.07
C LYS B 242 2.17 24.24 1.75
N ILE B 243 3.13 23.36 1.52
CA ILE B 243 3.21 22.09 2.19
C ILE B 243 4.41 22.26 3.13
N VAL B 244 4.23 21.88 4.38
CA VAL B 244 5.25 22.03 5.40
C VAL B 244 5.55 20.70 6.08
N LEU B 245 6.72 20.67 6.73
CA LEU B 245 7.09 19.56 7.56
C LEU B 245 6.62 19.88 8.99
N SER B 246 5.83 18.99 9.55
CA SER B 246 5.32 19.14 10.90
C SER B 246 5.36 17.89 11.73
N SER B 247 5.32 18.07 13.04
CA SER B 247 5.20 16.92 13.91
C SER B 247 3.80 16.29 13.62
N ALA B 248 3.71 14.98 13.64
CA ALA B 248 2.46 14.25 13.41
C ALA B 248 1.38 14.59 14.43
N THR B 249 0.18 14.93 13.97
CA THR B 249 -0.97 15.27 14.84
C THR B 249 -2.30 15.13 14.17
N ASP B 250 -3.23 14.46 14.83
CA ASP B 250 -4.56 14.26 14.23
C ASP B 250 -5.53 15.38 14.65
N LYS B 251 -5.24 16.58 14.20
CA LYS B 251 -6.13 17.72 14.46
C LYS B 251 -7.01 17.98 13.23
N GLY B 252 -6.46 17.94 12.04
CA GLY B 252 -7.20 18.10 10.82
C GLY B 252 -6.91 16.89 9.93
N ASN B 253 -6.98 17.07 8.63
CA ASN B 253 -6.70 15.99 7.73
C ASN B 253 -5.48 16.29 6.82
N GLY B 254 -4.78 17.38 7.10
CA GLY B 254 -3.75 17.81 6.21
C GLY B 254 -2.52 16.93 6.17
N GLN B 255 -2.39 15.99 7.10
CA GLN B 255 -1.30 15.03 7.09
C GLN B 255 -1.64 13.73 6.38
N GLN B 256 -2.83 13.64 5.78
CA GLN B 256 -3.22 12.40 5.11
C GLN B 256 -2.96 12.51 3.63
N TRP B 257 -2.32 11.47 3.09
CA TRP B 257 -2.02 11.39 1.70
C TRP B 257 -2.20 9.95 1.22
N THR B 258 -2.38 9.78 -0.07
CA THR B 258 -2.10 8.45 -0.61
C THR B 258 -1.57 8.51 -2.06
N VAL B 259 -1.35 7.36 -2.64
CA VAL B 259 -0.77 7.27 -3.97
C VAL B 259 -1.84 6.78 -4.93
N PHE B 260 -1.88 7.39 -6.10
CA PHE B 260 -2.77 6.95 -7.12
C PHE B 260 -1.97 6.80 -8.41
N TYR B 261 -1.66 5.56 -8.67
CA TYR B 261 -0.70 5.13 -9.69
C TYR B 261 -1.53 4.51 -10.85
C1 NAG C . 36.22 1.47 -2.73
C2 NAG C . 37.15 2.69 -2.90
C3 NAG C . 38.62 2.34 -3.14
C4 NAG C . 39.05 1.23 -2.24
C5 NAG C . 38.10 0.04 -2.42
C6 NAG C . 38.51 -1.25 -1.72
C7 NAG C . 36.52 3.59 -5.20
C8 NAG C . 35.70 4.65 -5.85
N2 NAG C . 36.66 3.69 -3.86
O3 NAG C . 39.41 3.48 -2.78
O4 NAG C . 40.38 0.87 -2.55
O5 NAG C . 36.83 0.43 -1.98
O6 NAG C . 38.76 -1.08 -0.34
O7 NAG C . 36.99 2.72 -5.88
C1 FUC C . 39.99 4.15 -3.89
C2 FUC C . 40.28 5.61 -3.71
C3 FUC C . 41.47 5.69 -2.78
C4 FUC C . 42.65 5.06 -3.44
C5 FUC C . 42.31 3.62 -3.73
C6 FUC C . 43.39 2.95 -4.53
O2 FUC C . 39.18 6.25 -3.12
O3 FUC C . 41.79 7.05 -2.49
O4 FUC C . 42.94 5.77 -4.64
O5 FUC C . 41.10 3.52 -4.47
C1 NAG C . 41.42 0.73 -1.80
C2 NAG C . 42.78 0.07 -1.88
C3 NAG C . 43.50 0.22 -0.56
C4 NAG C . 43.55 1.68 -0.17
C5 NAG C . 42.12 2.03 0.07
C6 NAG C . 41.85 3.35 0.81
C7 NAG C . 42.21 -1.89 -3.18
C8 NAG C . 42.00 -3.35 -3.03
N2 NAG C . 42.59 -1.31 -2.07
O3 NAG C . 44.80 -0.33 -0.58
O4 NAG C . 44.28 1.72 1.03
O5 NAG C . 41.56 2.00 -1.20
O6 NAG C . 40.50 3.78 0.60
O7 NAG C . 42.05 -1.32 -4.23
C1 NAG D . -18.94 -22.03 -2.87
C2 NAG D . -18.33 -23.01 -3.85
C3 NAG D . -18.40 -24.44 -3.32
C4 NAG D . -17.87 -24.52 -1.89
C5 NAG D . -18.52 -23.44 -1.02
C6 NAG D . -17.95 -23.47 0.39
C7 NAG D . -18.35 -22.61 -6.25
C8 NAG D . -18.84 -23.27 -7.51
N2 NAG D . -19.00 -22.93 -5.14
O3 NAG D . -17.62 -25.30 -4.16
O4 NAG D . -18.17 -25.81 -1.34
O5 NAG D . -18.30 -22.16 -1.60
O6 NAG D . -18.85 -22.81 1.29
O7 NAG D . -17.42 -21.82 -6.25
C1 EDO E . -5.75 11.04 1.41
O1 EDO E . -6.91 10.71 2.20
C2 EDO E . -6.18 11.44 0.01
O2 EDO E . -6.99 12.62 -0.01
C1 EDO F . -15.76 -10.47 -2.82
O1 EDO F . -16.62 -11.31 -2.05
C2 EDO F . -14.44 -11.17 -2.84
O2 EDO F . -14.69 -12.43 -3.44
C1 NAG G . 27.77 -7.21 11.96
C2 NAG G . 28.49 -8.21 11.08
C3 NAG G . 29.44 -9.08 11.89
C4 NAG G . 30.33 -8.23 12.79
C5 NAG G . 29.50 -7.22 13.58
C6 NAG G . 30.39 -6.31 14.41
C7 NAG G . 27.05 -8.72 9.19
C8 NAG G . 26.19 -9.76 8.52
N2 NAG G . 27.52 -9.05 10.39
O3 NAG G . 30.25 -9.86 11.01
O4 NAG G . 31.04 -9.08 13.70
O5 NAG G . 28.73 -6.43 12.66
O6 NAG G . 31.10 -5.42 13.56
O7 NAG G . 27.31 -7.65 8.66
C1 NAG H . 32.82 -9.34 13.44
C2 NAG H . 33.57 -9.65 14.73
C3 NAG H . 35.02 -10.03 14.45
C4 NAG H . 35.09 -11.10 13.37
C5 NAG H . 34.26 -10.71 12.16
C6 NAG H . 34.27 -11.80 11.10
C7 NAG H . 32.65 -8.41 16.60
C8 NAG H . 32.85 -7.27 17.56
N2 NAG H . 33.53 -8.49 15.61
O3 NAG H . 35.62 -10.52 15.64
O4 NAG H . 36.45 -11.28 12.96
O5 NAG H . 32.91 -10.46 12.56
O6 NAG H . 33.32 -12.83 11.45
O7 NAG H . 31.73 -9.20 16.73
C1 BMA I . 46.85 0.17 2.81
C2 BMA I . 47.62 1.46 2.52
C3 BMA I . 47.61 2.43 3.69
C4 BMA I . 46.21 2.55 4.25
C5 BMA I . 45.74 1.15 4.62
C6 BMA I . 44.43 1.10 5.38
O2 BMA I . 47.02 2.13 1.43
O3 BMA I . 48.10 3.71 3.28
O4 BMA I . 46.24 3.41 5.39
O5 BMA I . 45.60 0.43 3.42
O6 BMA I . 44.67 0.34 6.55
C1 EDO J . 10.31 19.88 11.08
O1 EDO J . 11.40 20.78 10.85
C2 EDO J . 9.89 19.86 12.55
O2 EDO J . 9.74 21.20 13.05
C1 EDO K . 2.19 29.68 8.11
O1 EDO K . 1.50 29.03 9.19
C2 EDO K . 2.44 28.69 6.97
O2 EDO K . 2.83 27.41 7.46
C1 EDO L . -3.78 26.10 -4.63
O1 EDO L . -3.76 26.71 -5.91
C2 EDO L . -5.09 25.37 -4.45
O2 EDO L . -5.24 24.38 -5.47
C1 EDO M . 21.62 11.85 -5.16
O1 EDO M . 21.48 10.48 -4.77
C2 EDO M . 22.38 12.04 -6.47
O2 EDO M . 23.51 11.16 -6.54
C1 EDO N . -9.17 29.83 1.10
O1 EDO N . -9.09 28.63 1.88
C2 EDO N . -8.29 30.96 1.66
O2 EDO N . -6.91 30.65 1.54
C1 EDO O . 14.87 -18.88 -5.17
O1 EDO O . 15.61 -18.49 -3.98
C2 EDO O . 13.44 -18.35 -5.16
O2 EDO O . 13.42 -16.91 -5.30
C1 EDO P . 30.07 -4.18 -11.74
O1 EDO P . 30.22 -5.37 -10.95
C2 EDO P . 30.73 -4.36 -13.12
O2 EDO P . 29.89 -5.19 -13.94
C1 EDO Q . 18.18 30.71 9.40
O1 EDO Q . 17.33 31.29 8.40
C2 EDO Q . 19.65 30.95 9.06
O2 EDO Q . 20.08 30.04 8.04
C1 EDO R . -10.17 14.78 1.80
O1 EDO R . -8.85 14.90 1.28
C2 EDO R . -10.27 15.59 3.08
O2 EDO R . -10.04 16.97 2.76
#